data_2G2X
#
_entry.id   2G2X
#
_cell.length_a   127.556
_cell.length_b   73.641
_cell.length_c   55.927
_cell.angle_alpha   90.00
_cell.angle_beta   90.00
_cell.angle_gamma   90.00
#
_symmetry.space_group_name_H-M   'C 1 2 1'
#
loop_
_entity.id
_entity.type
_entity.pdbx_description
1 polymer 'hypothetical protein PP5205'
2 non-polymer 'SULFATE ION'
3 water water
#
_entity_poly.entity_id   1
_entity_poly.type   'polypeptide(L)'
_entity_poly.pdbx_seq_one_letter_code
;(MSE)AYWL(MSE)KSEPDELSIEALARLGEARWDGVRNYQARNFLRA(MSE)SVGDEFFFYHSSCPQPGIAGIARITRA
AYPDPTALDPESHYHDAKATTDKNPWSAVDVAHVQTFPRVLELGRLKQQAGLVELPLVQKGSRLSV(MSE)PVTPEQWAV
IVALRLEHHHHHH
;
_entity_poly.pdbx_strand_id   A,B,C
#
loop_
_chem_comp.id
_chem_comp.type
_chem_comp.name
_chem_comp.formula
SO4 non-polymer 'SULFATE ION' 'O4 S -2'
#
# COMPACT_ATOMS: atom_id res chain seq x y z
N ALA A 2 12.36 -7.40 1.09
CA ALA A 2 11.42 -6.57 1.89
C ALA A 2 11.95 -6.23 3.27
N TYR A 3 12.84 -7.06 3.81
CA TYR A 3 13.42 -6.80 5.14
C TYR A 3 14.91 -6.48 5.04
N TRP A 4 15.36 -5.58 5.92
CA TRP A 4 16.75 -5.17 5.92
C TRP A 4 17.22 -4.81 7.31
N LEU A 5 18.47 -4.38 7.38
CA LEU A 5 19.06 -3.94 8.62
C LEU A 5 20.02 -2.83 8.22
N MSE A 6 20.00 -1.73 8.94
CA MSE A 6 20.88 -0.61 8.65
C MSE A 6 21.46 -0.09 9.95
O MSE A 6 20.74 0.09 10.93
CB MSE A 6 20.16 0.52 7.93
CG MSE A 6 19.54 0.10 6.60
SE MSE A 6 19.15 1.60 5.43
CE MSE A 6 17.61 2.34 6.36
N LYS A 7 22.76 0.16 9.94
CA LYS A 7 23.47 0.65 11.11
C LYS A 7 23.43 2.17 11.15
N SER A 8 23.41 2.71 12.37
CA SER A 8 23.42 4.14 12.59
C SER A 8 24.00 4.40 13.98
N GLU A 9 24.89 5.36 14.09
CA GLU A 9 25.50 5.69 15.38
C GLU A 9 24.45 6.47 16.18
N PRO A 10 24.10 5.99 17.38
CA PRO A 10 23.11 6.61 18.27
C PRO A 10 23.16 8.14 18.37
N ASP A 11 24.34 8.69 18.65
CA ASP A 11 24.48 10.13 18.77
C ASP A 11 24.27 10.89 17.48
N GLU A 12 24.32 10.19 16.34
CA GLU A 12 24.08 10.85 15.06
C GLU A 12 22.59 10.71 14.75
N LEU A 13 22.05 9.52 15.02
CA LEU A 13 20.64 9.22 14.81
C LEU A 13 20.25 7.92 15.51
N SER A 14 19.45 8.04 16.57
CA SER A 14 19.00 6.88 17.34
C SER A 14 17.57 6.55 16.95
N ILE A 15 17.08 5.39 17.38
CA ILE A 15 15.72 5.00 17.05
C ILE A 15 14.75 5.97 17.75
N GLU A 16 15.15 6.42 18.95
CA GLU A 16 14.35 7.37 19.72
C GLU A 16 14.23 8.71 18.98
N ALA A 17 15.36 9.18 18.45
CA ALA A 17 15.38 10.45 17.72
C ALA A 17 14.52 10.35 16.46
N LEU A 18 14.51 9.18 15.83
CA LEU A 18 13.69 9.02 14.63
C LEU A 18 12.21 9.09 15.02
N ALA A 19 11.87 8.55 16.18
CA ALA A 19 10.49 8.60 16.64
C ALA A 19 10.07 10.06 16.85
N ARG A 20 10.99 10.88 17.36
CA ARG A 20 10.70 12.29 17.59
C ARG A 20 10.65 13.11 16.29
N LEU A 21 11.52 12.79 15.33
CA LEU A 21 11.56 13.50 14.06
C LEU A 21 10.39 13.16 13.14
N GLY A 22 9.88 11.94 13.26
CA GLY A 22 8.78 11.51 12.40
C GLY A 22 9.32 10.80 11.18
N GLU A 23 9.87 11.57 10.25
CA GLU A 23 10.44 11.03 9.02
C GLU A 23 11.80 11.69 8.83
N ALA A 24 12.80 10.89 8.46
CA ALA A 24 14.14 11.44 8.27
C ALA A 24 14.86 10.86 7.06
N ARG A 25 15.86 11.58 6.56
CA ARG A 25 16.64 11.13 5.42
C ARG A 25 17.81 10.26 5.90
N TRP A 26 18.04 9.16 5.20
CA TRP A 26 19.14 8.26 5.54
C TRP A 26 20.24 8.57 4.51
N ASP A 27 21.12 9.50 4.85
CA ASP A 27 22.18 9.92 3.95
C ASP A 27 23.59 9.52 4.42
N GLY A 28 24.58 9.76 3.58
CA GLY A 28 25.96 9.46 3.96
C GLY A 28 26.53 8.08 3.66
N VAL A 29 25.75 7.20 3.05
CA VAL A 29 26.25 5.87 2.74
C VAL A 29 27.23 5.99 1.58
N ARG A 30 28.47 5.57 1.81
CA ARG A 30 29.50 5.66 0.80
C ARG A 30 30.19 4.32 0.54
N ASN A 31 29.47 3.24 0.83
CA ASN A 31 29.98 1.90 0.57
C ASN A 31 29.17 1.42 -0.61
N TYR A 32 29.82 1.08 -1.71
CA TYR A 32 29.12 0.65 -2.91
C TYR A 32 28.08 -0.45 -2.72
N GLN A 33 28.43 -1.51 -2.01
CA GLN A 33 27.48 -2.59 -1.78
C GLN A 33 26.30 -2.11 -0.96
N ALA A 34 26.56 -1.37 0.10
CA ALA A 34 25.47 -0.86 0.94
C ALA A 34 24.57 0.01 0.07
N ARG A 35 25.19 0.80 -0.80
CA ARG A 35 24.43 1.66 -1.70
C ARG A 35 23.52 0.80 -2.56
N ASN A 36 24.08 -0.27 -3.13
CA ASN A 36 23.31 -1.16 -3.98
C ASN A 36 22.12 -1.76 -3.25
N PHE A 37 22.27 -2.05 -1.96
CA PHE A 37 21.14 -2.59 -1.22
C PHE A 37 20.09 -1.51 -1.03
N LEU A 38 20.51 -0.26 -0.82
CA LEU A 38 19.56 0.84 -0.67
C LEU A 38 18.71 0.93 -1.92
N ARG A 39 19.34 0.77 -3.07
CA ARG A 39 18.64 0.86 -4.34
C ARG A 39 17.70 -0.31 -4.61
N ALA A 40 17.76 -1.32 -3.76
CA ALA A 40 16.90 -2.48 -3.91
C ALA A 40 15.69 -2.36 -3.02
N MSE A 41 15.72 -1.41 -2.10
CA MSE A 41 14.62 -1.20 -1.17
C MSE A 41 13.36 -0.65 -1.82
O MSE A 41 13.44 0.04 -2.84
CB MSE A 41 15.05 -0.27 -0.03
CG MSE A 41 16.09 -0.90 0.90
SE MSE A 41 16.79 0.32 2.22
CE MSE A 41 17.95 -0.89 3.18
N SER A 42 12.23 -0.99 -1.24
CA SER A 42 10.94 -0.50 -1.73
C SER A 42 10.22 0.20 -0.59
N VAL A 43 9.31 1.12 -0.92
CA VAL A 43 8.55 1.83 0.09
C VAL A 43 7.70 0.78 0.82
N GLY A 44 7.71 0.83 2.14
CA GLY A 44 6.95 -0.15 2.90
C GLY A 44 7.88 -1.22 3.47
N ASP A 45 9.09 -1.33 2.93
CA ASP A 45 10.04 -2.31 3.44
C ASP A 45 10.37 -1.89 4.87
N GLU A 46 10.67 -2.86 5.71
CA GLU A 46 11.01 -2.56 7.10
C GLU A 46 12.44 -3.00 7.34
N PHE A 47 13.09 -2.37 8.31
CA PHE A 47 14.46 -2.73 8.62
C PHE A 47 14.76 -2.60 10.10
N PHE A 48 15.69 -3.41 10.60
CA PHE A 48 16.08 -3.32 12.00
C PHE A 48 17.02 -2.12 12.11
N PHE A 49 16.75 -1.26 13.10
CA PHE A 49 17.56 -0.08 13.35
C PHE A 49 18.67 -0.52 14.30
N TYR A 50 19.91 -0.58 13.80
CA TYR A 50 21.05 -1.03 14.60
C TYR A 50 21.97 0.07 15.11
N HIS A 51 22.09 0.19 16.44
CA HIS A 51 22.95 1.18 17.06
C HIS A 51 24.40 0.67 17.05
N SER A 52 25.24 1.30 16.25
CA SER A 52 26.64 0.90 16.15
C SER A 52 27.59 1.99 16.67
N SER A 53 28.87 1.64 16.80
CA SER A 53 29.88 2.57 17.28
C SER A 53 29.42 3.25 18.57
N CYS A 54 28.89 2.46 19.50
CA CYS A 54 28.38 2.99 20.76
C CYS A 54 28.59 2.01 21.92
N PRO A 55 28.35 2.45 23.15
CA PRO A 55 28.53 1.58 24.33
C PRO A 55 27.63 0.34 24.39
N GLN A 56 26.43 0.43 23.81
CA GLN A 56 25.53 -0.72 23.81
C GLN A 56 25.08 -1.03 22.38
N PRO A 57 25.99 -1.56 21.57
CA PRO A 57 25.66 -1.90 20.17
C PRO A 57 24.63 -3.02 20.08
N GLY A 58 23.71 -2.89 19.13
CA GLY A 58 22.67 -3.90 18.96
C GLY A 58 21.47 -3.33 18.24
N ILE A 59 20.46 -4.19 18.02
CA ILE A 59 19.25 -3.76 17.35
C ILE A 59 18.35 -3.05 18.36
N ALA A 60 18.08 -1.76 18.13
CA ALA A 60 17.27 -0.97 19.04
C ALA A 60 15.79 -0.85 18.66
N GLY A 61 15.45 -1.20 17.43
CA GLY A 61 14.07 -1.11 17.02
C GLY A 61 13.80 -1.37 15.55
N ILE A 62 12.60 -1.02 15.11
CA ILE A 62 12.20 -1.23 13.73
C ILE A 62 11.73 0.07 13.10
N ALA A 63 12.07 0.25 11.83
CA ALA A 63 11.67 1.43 11.08
C ALA A 63 11.29 0.97 9.68
N ARG A 64 10.74 1.87 8.87
CA ARG A 64 10.33 1.53 7.52
C ARG A 64 10.80 2.53 6.46
N ILE A 65 10.86 2.08 5.22
CA ILE A 65 11.28 2.92 4.10
C ILE A 65 10.08 3.72 3.59
N THR A 66 10.19 5.05 3.60
CA THR A 66 9.10 5.91 3.14
C THR A 66 9.39 6.54 1.78
N ARG A 67 10.60 6.33 1.27
CA ARG A 67 10.98 6.84 -0.05
C ARG A 67 12.13 6.02 -0.62
N ALA A 68 11.90 5.42 -1.78
CA ALA A 68 12.93 4.59 -2.42
C ALA A 68 14.15 5.43 -2.80
N ALA A 69 15.23 4.74 -3.15
CA ALA A 69 16.48 5.42 -3.50
C ALA A 69 16.37 6.59 -4.46
N TYR A 70 17.07 7.67 -4.11
CA TYR A 70 17.16 8.87 -4.92
C TYR A 70 18.55 9.45 -4.66
N PRO A 71 19.06 10.31 -5.55
CA PRO A 71 20.40 10.91 -5.38
C PRO A 71 20.63 11.55 -4.01
N ASP A 72 21.69 11.13 -3.34
CA ASP A 72 22.02 11.66 -2.01
C ASP A 72 22.45 13.11 -2.17
N PRO A 73 21.60 14.06 -1.77
CA PRO A 73 21.96 15.48 -1.91
C PRO A 73 23.19 15.91 -1.10
N THR A 74 23.46 15.21 -0.01
CA THR A 74 24.60 15.56 0.83
C THR A 74 25.93 15.40 0.10
N ALA A 75 25.94 14.61 -0.96
CA ALA A 75 27.15 14.39 -1.74
C ALA A 75 27.52 15.66 -2.53
N LEU A 76 26.50 16.44 -2.86
CA LEU A 76 26.68 17.68 -3.63
C LEU A 76 26.72 18.90 -2.74
N ASP A 77 26.34 18.73 -1.48
CA ASP A 77 26.32 19.84 -0.52
C ASP A 77 27.67 19.97 0.17
N PRO A 78 28.44 21.03 -0.14
CA PRO A 78 29.76 21.28 0.46
C PRO A 78 29.72 21.40 1.98
N GLU A 79 28.57 21.82 2.52
CA GLU A 79 28.42 21.98 3.95
C GLU A 79 28.33 20.63 4.66
N SER A 80 27.85 19.62 3.93
CA SER A 80 27.70 18.28 4.50
C SER A 80 29.03 17.54 4.66
N HIS A 81 29.17 16.80 5.75
CA HIS A 81 30.38 16.04 5.99
C HIS A 81 30.45 14.85 5.06
N TYR A 82 29.35 14.57 4.37
CA TYR A 82 29.30 13.44 3.45
C TYR A 82 29.47 13.87 2.00
N HIS A 83 30.00 15.07 1.81
CA HIS A 83 30.25 15.63 0.49
C HIS A 83 31.27 14.80 -0.30
N ASP A 84 31.06 14.72 -1.62
CA ASP A 84 31.97 13.98 -2.49
C ASP A 84 32.44 14.94 -3.58
N ALA A 85 33.74 15.20 -3.62
CA ALA A 85 34.31 16.13 -4.59
C ALA A 85 34.09 15.78 -6.05
N LYS A 86 34.10 14.48 -6.35
CA LYS A 86 33.92 14.05 -7.73
C LYS A 86 32.48 13.87 -8.16
N ALA A 87 31.53 14.13 -7.26
CA ALA A 87 30.11 14.00 -7.59
C ALA A 87 29.55 15.29 -8.18
N THR A 88 28.59 15.15 -9.07
CA THR A 88 27.93 16.30 -9.68
C THR A 88 26.45 15.97 -9.76
N THR A 89 25.63 16.94 -10.13
CA THR A 89 24.19 16.74 -10.22
C THR A 89 23.84 15.67 -11.25
N ASP A 90 24.50 15.73 -12.40
CA ASP A 90 24.23 14.79 -13.48
C ASP A 90 25.02 13.49 -13.32
N LYS A 91 25.93 13.47 -12.35
CA LYS A 91 26.75 12.29 -12.09
C LYS A 91 26.98 12.10 -10.58
N ASN A 92 25.92 11.72 -9.88
CA ASN A 92 25.98 11.50 -8.45
C ASN A 92 25.95 9.98 -8.22
N PRO A 93 27.07 9.41 -7.79
CA PRO A 93 27.10 7.97 -7.56
C PRO A 93 26.39 7.50 -6.30
N TRP A 94 25.97 8.42 -5.43
CA TRP A 94 25.34 8.03 -4.19
C TRP A 94 23.83 8.19 -4.07
N SER A 95 23.24 7.32 -3.26
CA SER A 95 21.81 7.30 -3.06
C SER A 95 21.42 7.35 -1.59
N ALA A 96 20.21 7.83 -1.34
CA ALA A 96 19.68 7.92 0.00
C ALA A 96 18.25 7.41 -0.06
N VAL A 97 17.66 7.18 1.10
CA VAL A 97 16.27 6.74 1.17
C VAL A 97 15.74 7.46 2.39
N ASP A 98 14.41 7.62 2.48
CA ASP A 98 13.83 8.28 3.64
C ASP A 98 13.17 7.22 4.50
N VAL A 99 13.25 7.39 5.82
CA VAL A 99 12.69 6.41 6.72
C VAL A 99 11.75 7.00 7.76
N ALA A 100 11.00 6.13 8.42
CA ALA A 100 10.07 6.54 9.45
C ALA A 100 10.10 5.49 10.55
N HIS A 101 9.82 5.92 11.77
CA HIS A 101 9.82 5.06 12.93
C HIS A 101 8.65 4.09 12.96
N VAL A 102 8.92 2.87 13.40
CA VAL A 102 7.86 1.87 13.54
C VAL A 102 7.77 1.45 15.00
N GLN A 103 8.89 1.03 15.58
CA GLN A 103 8.87 0.60 16.97
C GLN A 103 10.24 0.73 17.64
N THR A 104 10.23 1.05 18.92
CA THR A 104 11.47 1.15 19.66
C THR A 104 11.42 0.05 20.72
N PHE A 105 12.37 -0.88 20.65
CA PHE A 105 12.41 -1.98 21.62
C PHE A 105 12.71 -1.46 23.02
N PRO A 106 12.08 -2.05 24.04
CA PRO A 106 12.30 -1.63 25.44
C PRO A 106 13.77 -1.78 25.81
N ARG A 107 14.37 -2.85 25.32
CA ARG A 107 15.77 -3.14 25.57
C ARG A 107 16.45 -3.49 24.26
N VAL A 108 17.62 -2.91 24.05
CA VAL A 108 18.40 -3.17 22.85
C VAL A 108 18.75 -4.65 22.77
N LEU A 109 18.66 -5.22 21.58
CA LEU A 109 19.03 -6.62 21.39
C LEU A 109 20.52 -6.54 21.13
N GLU A 110 21.29 -6.67 22.20
CA GLU A 110 22.74 -6.57 22.16
C GLU A 110 23.43 -7.45 21.13
N LEU A 111 24.52 -6.92 20.56
CA LEU A 111 25.29 -7.62 19.56
C LEU A 111 25.75 -8.99 20.03
N GLY A 112 26.15 -9.09 21.29
CA GLY A 112 26.60 -10.36 21.84
C GLY A 112 25.51 -11.40 21.77
N ARG A 113 24.29 -10.99 22.11
CA ARG A 113 23.15 -11.90 22.09
C ARG A 113 22.95 -12.36 20.64
N LEU A 114 23.06 -11.41 19.71
CA LEU A 114 22.88 -11.70 18.30
C LEU A 114 23.93 -12.65 17.73
N LYS A 115 25.17 -12.54 18.18
CA LYS A 115 26.22 -13.42 17.68
C LYS A 115 26.02 -14.85 18.18
N GLN A 116 25.24 -14.99 19.25
CA GLN A 116 24.97 -16.31 19.82
C GLN A 116 23.86 -17.02 19.04
N GLN A 117 23.27 -16.35 18.05
CA GLN A 117 22.21 -16.98 17.27
C GLN A 117 22.74 -17.69 16.04
N ALA A 118 22.80 -19.02 16.10
CA ALA A 118 23.28 -19.79 14.96
C ALA A 118 22.34 -19.51 13.79
N GLY A 119 21.15 -19.02 14.10
CA GLY A 119 20.19 -18.70 13.06
C GLY A 119 20.60 -17.45 12.27
N LEU A 120 21.62 -16.75 12.75
CA LEU A 120 22.06 -15.53 12.08
C LEU A 120 23.47 -15.70 11.51
N VAL A 121 23.92 -16.94 11.41
CA VAL A 121 25.25 -17.21 10.90
C VAL A 121 25.52 -16.58 9.53
N GLU A 122 24.49 -16.43 8.69
CA GLU A 122 24.69 -15.86 7.35
C GLU A 122 24.53 -14.33 7.29
N LEU A 123 24.12 -13.72 8.39
CA LEU A 123 23.94 -12.26 8.43
C LEU A 123 25.30 -11.59 8.55
N PRO A 124 25.69 -10.78 7.55
CA PRO A 124 26.98 -10.07 7.57
C PRO A 124 27.29 -9.38 8.90
N LEU A 125 26.25 -8.89 9.57
CA LEU A 125 26.41 -8.21 10.86
C LEU A 125 27.27 -8.98 11.84
N VAL A 126 27.11 -10.30 11.90
CA VAL A 126 27.85 -11.12 12.84
C VAL A 126 29.07 -11.83 12.24
N GLN A 127 29.46 -11.41 11.04
CA GLN A 127 30.60 -12.03 10.37
C GLN A 127 31.88 -11.21 10.54
N LYS A 128 32.97 -11.90 10.85
CA LYS A 128 34.27 -11.25 11.06
C LYS A 128 34.69 -10.33 9.91
N GLY A 129 35.18 -9.14 10.25
CA GLY A 129 35.66 -8.20 9.24
C GLY A 129 34.64 -7.42 8.42
N SER A 130 33.35 -7.69 8.62
CA SER A 130 32.33 -6.99 7.86
C SER A 130 32.28 -5.49 8.19
N ARG A 131 32.16 -4.68 7.14
CA ARG A 131 32.08 -3.22 7.29
C ARG A 131 30.82 -2.72 6.58
N LEU A 132 29.90 -3.65 6.34
CA LEU A 132 28.64 -3.35 5.65
C LEU A 132 27.64 -2.74 6.64
N SER A 133 27.14 -1.55 6.31
CA SER A 133 26.18 -0.85 7.18
C SER A 133 24.74 -0.98 6.72
N VAL A 134 24.55 -1.63 5.57
CA VAL A 134 23.21 -1.83 5.01
C VAL A 134 23.21 -3.25 4.49
N MSE A 135 22.18 -4.02 4.83
CA MSE A 135 22.13 -5.40 4.40
C MSE A 135 20.73 -5.97 4.38
O MSE A 135 19.83 -5.50 5.07
CB MSE A 135 22.97 -6.24 5.35
CG MSE A 135 22.43 -6.22 6.77
SE MSE A 135 23.59 -6.98 8.14
CE MSE A 135 24.84 -5.52 8.30
N PRO A 136 20.50 -7.00 3.55
CA PRO A 136 19.17 -7.60 3.50
C PRO A 136 19.02 -8.54 4.69
N VAL A 137 17.78 -8.85 5.04
CA VAL A 137 17.48 -9.76 6.14
C VAL A 137 16.43 -10.72 5.61
N THR A 138 16.69 -12.02 5.74
CA THR A 138 15.74 -13.01 5.26
C THR A 138 14.60 -13.12 6.26
N PRO A 139 13.41 -13.50 5.77
CA PRO A 139 12.24 -13.65 6.65
C PRO A 139 12.57 -14.52 7.86
N GLU A 140 13.33 -15.59 7.61
CA GLU A 140 13.73 -16.52 8.66
C GLU A 140 14.62 -15.84 9.69
N GLN A 141 15.51 -14.97 9.22
CA GLN A 141 16.42 -14.24 10.10
C GLN A 141 15.61 -13.20 10.86
N TRP A 142 14.61 -12.63 10.20
CA TRP A 142 13.75 -11.62 10.83
C TRP A 142 13.02 -12.27 12.01
N ALA A 143 12.54 -13.48 11.78
CA ALA A 143 11.81 -14.22 12.81
C ALA A 143 12.67 -14.53 14.03
N VAL A 144 13.91 -14.96 13.82
CA VAL A 144 14.74 -15.26 14.97
C VAL A 144 15.00 -13.99 15.78
N ILE A 145 15.22 -12.87 15.09
CA ILE A 145 15.47 -11.62 15.79
C ILE A 145 14.27 -11.09 16.57
N VAL A 146 13.07 -11.16 15.99
CA VAL A 146 11.88 -10.70 16.71
C VAL A 146 11.58 -11.66 17.85
N ALA A 147 12.03 -12.90 17.72
CA ALA A 147 11.82 -13.89 18.77
C ALA A 147 12.71 -13.56 19.98
N LEU A 148 13.83 -12.88 19.73
CA LEU A 148 14.73 -12.49 20.81
C LEU A 148 14.09 -11.37 21.62
N ARG A 149 13.31 -10.54 20.94
CA ARG A 149 12.62 -9.45 21.60
C ARG A 149 11.61 -10.10 22.53
N LEU A 150 11.35 -11.38 22.30
CA LEU A 150 10.41 -12.19 23.08
C LEU A 150 8.95 -11.80 22.85
N ALA B 2 6.69 13.90 -16.16
CA ALA B 2 5.86 14.57 -17.20
C ALA B 2 4.42 14.05 -17.27
N TYR B 3 4.24 12.73 -17.44
CA TYR B 3 2.90 12.13 -17.52
C TYR B 3 2.60 11.24 -16.32
N TRP B 4 1.33 11.20 -15.92
CA TRP B 4 0.93 10.40 -14.78
C TRP B 4 -0.50 9.88 -14.89
N LEU B 5 -0.90 9.14 -13.86
CA LEU B 5 -2.24 8.61 -13.79
C LEU B 5 -2.62 8.64 -12.33
N MSE B 6 -3.81 9.16 -12.04
CA MSE B 6 -4.27 9.24 -10.67
C MSE B 6 -5.70 8.73 -10.63
O MSE B 6 -6.52 9.08 -11.48
CB MSE B 6 -4.18 10.68 -10.16
CG MSE B 6 -2.75 11.25 -10.13
SE MSE B 6 -2.56 12.73 -8.88
CE MSE B 6 -3.48 14.13 -9.86
N LYS B 7 -5.99 7.91 -9.61
CA LYS B 7 -7.30 7.32 -9.44
C LYS B 7 -8.16 8.19 -8.53
N SER B 8 -9.47 8.19 -8.80
CA SER B 8 -10.43 8.95 -8.04
C SER B 8 -11.80 8.30 -8.18
N GLU B 9 -12.53 8.16 -7.07
CA GLU B 9 -13.86 7.57 -7.12
C GLU B 9 -14.77 8.66 -7.68
N PRO B 10 -15.39 8.41 -8.84
CA PRO B 10 -16.27 9.40 -9.46
C PRO B 10 -17.31 10.10 -8.57
N ASP B 11 -17.85 9.40 -7.56
CA ASP B 11 -18.83 10.03 -6.67
C ASP B 11 -18.15 11.09 -5.82
N GLU B 12 -16.85 10.95 -5.59
CA GLU B 12 -16.12 11.94 -4.81
C GLU B 12 -15.64 13.04 -5.76
N LEU B 13 -15.08 12.66 -6.91
CA LEU B 13 -14.63 13.63 -7.91
C LEU B 13 -14.49 12.95 -9.28
N SER B 14 -15.35 13.32 -10.21
CA SER B 14 -15.31 12.74 -11.56
C SER B 14 -14.63 13.72 -12.51
N ILE B 15 -14.34 13.25 -13.72
CA ILE B 15 -13.68 14.11 -14.70
C ILE B 15 -14.68 15.21 -15.10
N GLU B 16 -15.97 14.88 -15.08
CA GLU B 16 -17.02 15.84 -15.43
C GLU B 16 -17.10 16.93 -14.35
N ALA B 17 -17.11 16.51 -13.09
CA ALA B 17 -17.18 17.44 -11.98
C ALA B 17 -15.98 18.38 -12.00
N LEU B 18 -14.81 17.87 -12.36
CA LEU B 18 -13.62 18.71 -12.42
C LEU B 18 -13.79 19.78 -13.50
N ALA B 19 -14.41 19.41 -14.62
CA ALA B 19 -14.65 20.36 -15.69
C ALA B 19 -15.56 21.48 -15.18
N ARG B 20 -16.54 21.13 -14.35
CA ARG B 20 -17.45 22.13 -13.82
C ARG B 20 -16.81 23.02 -12.73
N LEU B 21 -15.95 22.43 -11.91
CA LEU B 21 -15.27 23.16 -10.83
C LEU B 21 -14.17 24.09 -11.33
N GLY B 22 -13.53 23.71 -12.43
CA GLY B 22 -12.45 24.52 -12.99
C GLY B 22 -11.12 24.03 -12.49
N GLU B 23 -10.81 24.37 -11.24
CA GLU B 23 -9.56 23.96 -10.62
C GLU B 23 -9.93 23.33 -9.28
N ALA B 24 -9.27 22.24 -8.91
CA ALA B 24 -9.57 21.58 -7.65
C ALA B 24 -8.33 21.06 -6.95
N ARG B 25 -8.46 20.81 -5.65
CA ARG B 25 -7.37 20.29 -4.86
C ARG B 25 -7.45 18.77 -4.86
N TRP B 26 -6.31 18.11 -5.06
CA TRP B 26 -6.22 16.66 -5.05
C TRP B 26 -5.65 16.33 -3.67
N ASP B 27 -6.53 16.17 -2.70
CA ASP B 27 -6.14 15.88 -1.33
C ASP B 27 -6.44 14.44 -0.90
N GLY B 28 -6.02 14.08 0.31
CA GLY B 28 -6.30 12.74 0.82
C GLY B 28 -5.37 11.60 0.44
N VAL B 29 -4.28 11.87 -0.26
CA VAL B 29 -3.37 10.77 -0.59
C VAL B 29 -2.62 10.39 0.67
N ARG B 30 -2.76 9.14 1.09
CA ARG B 30 -2.13 8.66 2.31
C ARG B 30 -1.29 7.42 2.11
N ASN B 31 -0.85 7.19 0.88
CA ASN B 31 0.01 6.06 0.55
C ASN B 31 1.37 6.73 0.29
N TYR B 32 2.38 6.33 1.05
CA TYR B 32 3.71 6.94 0.91
C TYR B 32 4.28 7.00 -0.50
N GLN B 33 4.20 5.90 -1.24
CA GLN B 33 4.72 5.89 -2.59
C GLN B 33 3.92 6.86 -3.47
N ALA B 34 2.59 6.80 -3.37
CA ALA B 34 1.75 7.69 -4.15
C ALA B 34 2.08 9.14 -3.79
N ARG B 35 2.32 9.38 -2.51
CA ARG B 35 2.69 10.72 -2.07
C ARG B 35 3.98 11.13 -2.78
N ASN B 36 4.97 10.25 -2.74
CA ASN B 36 6.25 10.51 -3.37
C ASN B 36 6.10 10.86 -4.85
N PHE B 37 5.17 10.20 -5.55
CA PHE B 37 5.00 10.53 -6.96
C PHE B 37 4.39 11.93 -7.10
N LEU B 38 3.51 12.30 -6.17
CA LEU B 38 2.90 13.63 -6.22
C LEU B 38 3.99 14.68 -6.11
N ARG B 39 4.98 14.43 -5.27
CA ARG B 39 6.07 15.35 -5.05
C ARG B 39 7.03 15.47 -6.23
N ALA B 40 6.89 14.55 -7.18
CA ALA B 40 7.74 14.57 -8.36
C ALA B 40 7.04 15.30 -9.50
N MSE B 41 5.76 15.61 -9.32
CA MSE B 41 5.01 16.28 -10.37
C MSE B 41 5.37 17.74 -10.54
O MSE B 41 5.78 18.42 -9.59
CB MSE B 41 3.51 16.16 -10.10
CG MSE B 41 3.00 14.72 -9.98
SE MSE B 41 1.10 14.61 -9.69
CE MSE B 41 0.81 12.85 -10.38
N SER B 42 5.21 18.24 -11.76
CA SER B 42 5.49 19.63 -12.08
C SER B 42 4.25 20.29 -12.68
N VAL B 43 4.14 21.60 -12.54
CA VAL B 43 3.02 22.33 -13.11
C VAL B 43 3.09 22.11 -14.63
N GLY B 44 1.97 21.79 -15.25
CA GLY B 44 1.97 21.54 -16.68
C GLY B 44 1.97 20.05 -16.98
N ASP B 45 2.32 19.23 -16.01
CA ASP B 45 2.30 17.79 -16.25
C ASP B 45 0.84 17.40 -16.45
N GLU B 46 0.61 16.37 -17.23
CA GLU B 46 -0.74 15.92 -17.47
C GLU B 46 -0.93 14.52 -16.92
N PHE B 47 -2.16 14.17 -16.59
CA PHE B 47 -2.41 12.84 -16.08
C PHE B 47 -3.75 12.29 -16.53
N PHE B 48 -3.83 10.96 -16.60
CA PHE B 48 -5.08 10.33 -16.96
C PHE B 48 -5.93 10.29 -15.70
N PHE B 49 -7.18 10.74 -15.82
CA PHE B 49 -8.12 10.75 -14.71
C PHE B 49 -8.79 9.38 -14.74
N TYR B 50 -8.46 8.53 -13.78
CA TYR B 50 -9.01 7.18 -13.72
C TYR B 50 -10.14 7.02 -12.71
N HIS B 51 -11.32 6.64 -13.18
CA HIS B 51 -12.47 6.43 -12.31
C HIS B 51 -12.37 5.05 -11.67
N SER B 52 -12.22 5.01 -10.35
CA SER B 52 -12.09 3.74 -9.64
C SER B 52 -13.23 3.49 -8.63
N SER B 53 -13.28 2.28 -8.10
CA SER B 53 -14.31 1.93 -7.11
C SER B 53 -15.69 2.34 -7.61
N CYS B 54 -15.97 2.06 -8.88
CA CYS B 54 -17.24 2.42 -9.50
C CYS B 54 -17.69 1.32 -10.48
N PRO B 55 -18.93 1.41 -10.98
CA PRO B 55 -19.43 0.40 -11.92
C PRO B 55 -18.71 0.32 -13.27
N GLN B 56 -18.16 1.44 -13.73
CA GLN B 56 -17.41 1.42 -14.99
C GLN B 56 -16.02 2.01 -14.77
N PRO B 57 -15.13 1.26 -14.13
CA PRO B 57 -13.77 1.72 -13.86
C PRO B 57 -12.95 1.86 -15.14
N GLY B 58 -12.12 2.90 -15.21
CA GLY B 58 -11.30 3.11 -16.38
C GLY B 58 -10.87 4.55 -16.51
N ILE B 59 -10.10 4.86 -17.55
CA ILE B 59 -9.63 6.22 -17.77
C ILE B 59 -10.76 7.01 -18.42
N ALA B 60 -11.22 8.05 -17.73
CA ALA B 60 -12.32 8.88 -18.25
C ALA B 60 -11.88 10.17 -18.92
N GLY B 61 -10.61 10.52 -18.79
CA GLY B 61 -10.13 11.74 -19.42
C GLY B 61 -8.74 12.17 -19.01
N ILE B 62 -8.39 13.40 -19.39
CA ILE B 62 -7.08 13.97 -19.10
C ILE B 62 -7.21 15.25 -18.31
N ALA B 63 -6.30 15.46 -17.36
CA ALA B 63 -6.28 16.67 -16.56
C ALA B 63 -4.83 17.08 -16.41
N ARG B 64 -4.57 18.24 -15.81
CA ARG B 64 -3.21 18.70 -15.65
C ARG B 64 -2.92 19.26 -14.25
N ILE B 65 -1.65 19.34 -13.89
CA ILE B 65 -1.25 19.84 -12.58
C ILE B 65 -1.11 21.37 -12.63
N THR B 66 -1.87 22.06 -11.78
CA THR B 66 -1.81 23.53 -11.74
C THR B 66 -0.99 24.06 -10.56
N ARG B 67 -0.63 23.18 -9.64
CA ARG B 67 0.18 23.55 -8.49
C ARG B 67 0.96 22.34 -7.97
N ALA B 68 2.28 22.46 -7.94
CA ALA B 68 3.12 21.36 -7.48
C ALA B 68 2.80 21.03 -6.02
N ALA B 69 3.38 19.94 -5.52
CA ALA B 69 3.12 19.49 -4.16
C ALA B 69 3.32 20.54 -3.06
N TYR B 70 2.39 20.55 -2.12
CA TYR B 70 2.41 21.43 -0.96
C TYR B 70 1.72 20.67 0.17
N PRO B 71 1.98 21.02 1.44
CA PRO B 71 1.34 20.32 2.57
C PRO B 71 -0.16 20.17 2.43
N ASP B 72 -0.66 18.94 2.59
CA ASP B 72 -2.09 18.65 2.48
C ASP B 72 -2.81 19.22 3.69
N PRO B 73 -3.55 20.33 3.51
CA PRO B 73 -4.27 20.92 4.65
C PRO B 73 -5.32 20.02 5.31
N THR B 74 -5.89 19.11 4.54
CA THR B 74 -6.90 18.22 5.09
C THR B 74 -6.36 17.34 6.20
N ALA B 75 -5.05 17.16 6.23
CA ALA B 75 -4.40 16.34 7.26
C ALA B 75 -4.48 17.05 8.62
N LEU B 76 -4.52 18.37 8.59
CA LEU B 76 -4.57 19.20 9.79
C LEU B 76 -5.98 19.59 10.17
N ASP B 77 -6.89 19.51 9.20
CA ASP B 77 -8.29 19.88 9.40
C ASP B 77 -9.07 18.73 10.04
N PRO B 78 -9.50 18.88 11.31
CA PRO B 78 -10.26 17.84 12.00
C PRO B 78 -11.59 17.53 11.32
N GLU B 79 -12.09 18.49 10.55
CA GLU B 79 -13.36 18.33 9.84
C GLU B 79 -13.30 17.32 8.70
N SER B 80 -12.18 17.27 7.98
CA SER B 80 -12.07 16.34 6.85
C SER B 80 -11.79 14.91 7.26
N HIS B 81 -12.25 13.98 6.42
CA HIS B 81 -12.06 12.56 6.66
C HIS B 81 -10.63 12.13 6.44
N TYR B 82 -9.82 13.02 5.89
CA TYR B 82 -8.42 12.69 5.62
C TYR B 82 -7.50 13.22 6.72
N HIS B 83 -8.09 13.55 7.86
CA HIS B 83 -7.34 14.05 9.01
C HIS B 83 -6.34 13.03 9.54
N ASP B 84 -5.23 13.52 10.06
CA ASP B 84 -4.17 12.67 10.61
C ASP B 84 -3.79 13.23 11.97
N ALA B 85 -4.08 12.48 13.03
CA ALA B 85 -3.80 12.93 14.40
C ALA B 85 -2.32 13.17 14.68
N LYS B 86 -1.47 12.44 13.98
CA LYS B 86 -0.02 12.56 14.16
C LYS B 86 0.55 13.80 13.46
N ALA B 87 -0.20 14.34 12.50
CA ALA B 87 0.28 15.50 11.76
C ALA B 87 0.11 16.83 12.49
N THR B 88 1.09 17.70 12.31
CA THR B 88 1.05 19.04 12.89
C THR B 88 1.44 19.95 11.73
N THR B 89 1.26 21.25 11.91
CA THR B 89 1.59 22.21 10.86
C THR B 89 3.08 22.23 10.52
N ASP B 90 3.91 21.97 11.53
CA ASP B 90 5.35 21.99 11.31
C ASP B 90 5.89 20.60 10.91
N LYS B 91 5.03 19.59 10.98
CA LYS B 91 5.42 18.22 10.62
C LYS B 91 4.27 17.50 9.93
N ASN B 92 4.01 17.92 8.68
CA ASN B 92 2.93 17.33 7.89
C ASN B 92 3.56 16.36 6.89
N PRO B 93 3.35 15.06 7.09
CA PRO B 93 3.93 14.10 6.15
C PRO B 93 3.24 14.00 4.80
N TRP B 94 2.03 14.58 4.68
CA TRP B 94 1.27 14.48 3.44
C TRP B 94 1.26 15.69 2.52
N SER B 95 1.12 15.42 1.23
CA SER B 95 1.12 16.48 0.23
C SER B 95 -0.10 16.42 -0.66
N ALA B 96 -0.44 17.57 -1.22
CA ALA B 96 -1.56 17.69 -2.11
C ALA B 96 -1.04 18.35 -3.38
N VAL B 97 -1.87 18.37 -4.41
CA VAL B 97 -1.51 18.99 -5.67
C VAL B 97 -2.82 19.55 -6.16
N ASP B 98 -2.78 20.59 -7.01
CA ASP B 98 -4.01 21.15 -7.54
C ASP B 98 -4.09 20.80 -9.02
N VAL B 99 -5.29 20.52 -9.49
CA VAL B 99 -5.47 20.12 -10.88
C VAL B 99 -6.56 20.89 -11.61
N ALA B 100 -6.52 20.80 -12.93
CA ALA B 100 -7.51 21.45 -13.78
C ALA B 100 -7.85 20.48 -14.89
N HIS B 101 -9.04 20.64 -15.44
CA HIS B 101 -9.56 19.80 -16.50
C HIS B 101 -8.88 20.08 -17.84
N VAL B 102 -8.65 19.02 -18.61
CA VAL B 102 -8.08 19.18 -19.93
C VAL B 102 -9.05 18.58 -20.94
N GLN B 103 -9.47 17.34 -20.72
CA GLN B 103 -10.38 16.69 -21.65
C GLN B 103 -11.17 15.57 -21.01
N THR B 104 -12.42 15.42 -21.43
CA THR B 104 -13.27 14.36 -20.93
C THR B 104 -13.60 13.46 -22.13
N PHE B 105 -13.11 12.22 -22.10
CA PHE B 105 -13.36 11.28 -23.19
C PHE B 105 -14.84 11.00 -23.35
N PRO B 106 -15.29 10.78 -24.59
CA PRO B 106 -16.72 10.50 -24.82
C PRO B 106 -17.10 9.18 -24.14
N ARG B 107 -16.21 8.20 -24.21
CA ARG B 107 -16.44 6.91 -23.57
C ARG B 107 -15.23 6.54 -22.73
N VAL B 108 -15.50 6.00 -21.54
CA VAL B 108 -14.45 5.58 -20.62
C VAL B 108 -13.64 4.44 -21.20
N LEU B 109 -12.32 4.51 -21.06
CA LEU B 109 -11.45 3.44 -21.55
C LEU B 109 -11.45 2.46 -20.39
N GLU B 110 -12.38 1.50 -20.47
CA GLU B 110 -12.58 0.51 -19.44
C GLU B 110 -11.33 -0.26 -19.03
N LEU B 111 -11.26 -0.55 -17.73
CA LEU B 111 -10.13 -1.28 -17.17
C LEU B 111 -9.86 -2.58 -17.93
N GLY B 112 -10.92 -3.26 -18.33
CA GLY B 112 -10.77 -4.51 -19.07
C GLY B 112 -10.01 -4.30 -20.36
N ARG B 113 -10.36 -3.24 -21.09
CA ARG B 113 -9.70 -2.95 -22.36
C ARG B 113 -8.22 -2.62 -22.07
N LEU B 114 -7.98 -1.90 -20.98
CA LEU B 114 -6.62 -1.53 -20.61
C LEU B 114 -5.77 -2.74 -20.26
N LYS B 115 -6.34 -3.71 -19.56
CA LYS B 115 -5.60 -4.90 -19.17
C LYS B 115 -5.20 -5.75 -20.38
N GLN B 116 -5.90 -5.57 -21.49
CA GLN B 116 -5.60 -6.33 -22.71
C GLN B 116 -4.40 -5.74 -23.44
N GLN B 117 -3.95 -4.55 -23.02
CA GLN B 117 -2.82 -3.91 -23.69
C GLN B 117 -1.47 -4.40 -23.19
N ALA B 118 -0.80 -5.21 -24.01
CA ALA B 118 0.51 -5.73 -23.63
C ALA B 118 1.47 -4.55 -23.47
N GLY B 119 1.12 -3.42 -24.08
CA GLY B 119 1.96 -2.24 -23.97
C GLY B 119 1.87 -1.58 -22.59
N LEU B 120 0.95 -2.07 -21.77
CA LEU B 120 0.76 -1.52 -20.43
C LEU B 120 1.15 -2.48 -19.32
N VAL B 121 1.81 -3.57 -19.66
CA VAL B 121 2.21 -4.56 -18.68
C VAL B 121 3.02 -4.00 -17.51
N GLU B 122 3.80 -2.95 -17.76
CA GLU B 122 4.62 -2.35 -16.70
C GLU B 122 3.89 -1.29 -15.88
N LEU B 123 2.64 -1.00 -16.21
CA LEU B 123 1.87 0.00 -15.49
C LEU B 123 1.19 -0.61 -14.25
N PRO B 124 1.51 -0.10 -13.06
CA PRO B 124 0.94 -0.61 -11.80
C PRO B 124 -0.58 -0.84 -11.84
N LEU B 125 -1.29 0.04 -12.54
CA LEU B 125 -2.74 -0.06 -12.67
C LEU B 125 -3.24 -1.45 -13.04
N VAL B 126 -2.57 -2.09 -14.00
CA VAL B 126 -2.99 -3.41 -14.47
C VAL B 126 -2.25 -4.57 -13.81
N GLN B 127 -1.52 -4.28 -12.74
CA GLN B 127 -0.76 -5.31 -12.04
C GLN B 127 -1.45 -5.84 -10.79
N LYS B 128 -1.48 -7.17 -10.69
CA LYS B 128 -2.11 -7.88 -9.57
C LYS B 128 -1.76 -7.34 -8.19
N GLY B 129 -2.77 -7.16 -7.34
CA GLY B 129 -2.55 -6.66 -5.99
C GLY B 129 -2.09 -5.23 -5.81
N SER B 130 -2.03 -4.46 -6.90
CA SER B 130 -1.60 -3.08 -6.81
C SER B 130 -2.63 -2.21 -6.09
N ARG B 131 -2.16 -1.36 -5.18
CA ARG B 131 -3.03 -0.48 -4.43
C ARG B 131 -2.54 0.97 -4.58
N LEU B 132 -1.74 1.20 -5.61
CA LEU B 132 -1.19 2.52 -5.88
C LEU B 132 -2.23 3.37 -6.61
N SER B 133 -2.53 4.55 -6.07
CA SER B 133 -3.52 5.45 -6.66
C SER B 133 -2.89 6.59 -7.47
N VAL B 134 -1.57 6.68 -7.44
CA VAL B 134 -0.84 7.72 -8.17
C VAL B 134 0.37 7.05 -8.76
N MSE B 135 0.63 7.26 -10.05
CA MSE B 135 1.74 6.58 -10.69
C MSE B 135 2.21 7.30 -11.94
O MSE B 135 1.45 8.00 -12.59
CB MSE B 135 1.30 5.18 -11.08
CG MSE B 135 0.15 5.20 -12.10
SE MSE B 135 -0.76 3.50 -12.46
CE MSE B 135 -1.90 3.43 -10.90
N PRO B 136 3.49 7.13 -12.28
CA PRO B 136 4.00 7.79 -13.50
C PRO B 136 3.51 7.02 -14.71
N VAL B 137 3.57 7.65 -15.88
CA VAL B 137 3.17 7.01 -17.13
C VAL B 137 4.24 7.39 -18.15
N THR B 138 4.81 6.40 -18.80
CA THR B 138 5.84 6.67 -19.79
C THR B 138 5.20 7.18 -21.08
N PRO B 139 5.93 7.99 -21.86
CA PRO B 139 5.40 8.52 -23.11
C PRO B 139 4.83 7.40 -23.98
N GLU B 140 5.54 6.28 -24.01
CA GLU B 140 5.14 5.12 -24.79
C GLU B 140 3.81 4.57 -24.28
N GLN B 141 3.65 4.52 -22.96
CA GLN B 141 2.40 4.03 -22.38
C GLN B 141 1.29 5.05 -22.64
N TRP B 142 1.65 6.33 -22.64
CA TRP B 142 0.67 7.38 -22.90
C TRP B 142 0.15 7.24 -24.34
N ALA B 143 1.06 6.94 -25.27
CA ALA B 143 0.68 6.80 -26.67
C ALA B 143 -0.29 5.63 -26.89
N VAL B 144 -0.06 4.51 -26.21
CA VAL B 144 -0.96 3.37 -26.40
C VAL B 144 -2.36 3.70 -25.84
N ILE B 145 -2.40 4.41 -24.73
CA ILE B 145 -3.67 4.77 -24.12
C ILE B 145 -4.47 5.77 -24.97
N VAL B 146 -3.80 6.79 -25.50
CA VAL B 146 -4.48 7.79 -26.33
C VAL B 146 -4.95 7.16 -27.64
N ALA B 147 -4.22 6.18 -28.15
CA ALA B 147 -4.60 5.52 -29.39
C ALA B 147 -5.84 4.64 -29.17
N LEU B 148 -6.08 4.29 -27.92
CA LEU B 148 -7.23 3.46 -27.60
C LEU B 148 -8.48 4.35 -27.56
N ARG B 149 -8.27 5.63 -27.30
CA ARG B 149 -9.38 6.59 -27.23
C ARG B 149 -10.07 6.62 -28.59
N LEU B 150 -9.29 6.37 -29.64
CA LEU B 150 -9.79 6.36 -31.01
C LEU B 150 -10.69 5.15 -31.29
N ALA C 2 -26.51 -14.11 9.71
CA ALA C 2 -25.79 -15.31 9.21
C ALA C 2 -25.38 -15.15 7.75
N TYR C 3 -25.72 -14.01 7.15
CA TYR C 3 -25.35 -13.75 5.75
C TYR C 3 -24.36 -12.60 5.68
N TRP C 4 -23.42 -12.69 4.77
CA TRP C 4 -22.41 -11.66 4.63
C TRP C 4 -21.97 -11.48 3.19
N LEU C 5 -21.05 -10.56 3.01
CA LEU C 5 -20.48 -10.29 1.70
C LEU C 5 -19.02 -9.96 1.96
N MSE C 6 -18.14 -10.58 1.19
CA MSE C 6 -16.72 -10.34 1.35
C MSE C 6 -16.11 -10.13 -0.03
O MSE C 6 -16.43 -10.85 -0.98
CB MSE C 6 -16.04 -11.51 2.07
CG MSE C 6 -16.45 -11.62 3.53
SE MSE C 6 -15.30 -12.77 4.57
CE MSE C 6 -13.89 -11.55 4.89
N LYS C 7 -15.23 -9.14 -0.12
CA LYS C 7 -14.57 -8.80 -1.38
C LYS C 7 -13.24 -9.51 -1.50
N SER C 8 -12.85 -9.78 -2.73
CA SER C 8 -11.59 -10.44 -3.04
C SER C 8 -11.21 -10.15 -4.49
N GLU C 9 -9.94 -9.85 -4.73
CA GLU C 9 -9.46 -9.58 -6.08
C GLU C 9 -9.35 -10.93 -6.77
N PRO C 10 -10.02 -11.10 -7.90
CA PRO C 10 -10.02 -12.34 -8.68
C PRO C 10 -8.65 -12.98 -8.91
N ASP C 11 -7.67 -12.17 -9.29
CA ASP C 11 -6.32 -12.69 -9.55
C ASP C 11 -5.69 -13.28 -8.30
N GLU C 12 -6.16 -12.83 -7.13
CA GLU C 12 -5.62 -13.36 -5.89
C GLU C 12 -6.44 -14.57 -5.49
N LEU C 13 -7.77 -14.44 -5.57
CA LEU C 13 -8.68 -15.52 -5.24
C LEU C 13 -10.06 -15.27 -5.85
N SER C 14 -10.42 -16.09 -6.83
CA SER C 14 -11.70 -15.96 -7.52
C SER C 14 -12.64 -17.06 -7.00
N ILE C 15 -13.92 -16.95 -7.35
CA ILE C 15 -14.89 -17.95 -6.91
C ILE C 15 -14.56 -19.29 -7.59
N GLU C 16 -14.01 -19.24 -8.80
CA GLU C 16 -13.63 -20.44 -9.53
C GLU C 16 -12.46 -21.13 -8.82
N ALA C 17 -11.44 -20.33 -8.48
CA ALA C 17 -10.27 -20.87 -7.79
C ALA C 17 -10.67 -21.53 -6.48
N LEU C 18 -11.60 -20.91 -5.75
CA LEU C 18 -12.04 -21.49 -4.49
C LEU C 18 -12.72 -22.84 -4.74
N ALA C 19 -13.49 -22.94 -5.82
CA ALA C 19 -14.15 -24.19 -6.15
C ALA C 19 -13.09 -25.27 -6.35
N ARG C 20 -12.01 -24.91 -7.03
CA ARG C 20 -10.92 -25.85 -7.28
C ARG C 20 -10.12 -26.21 -6.04
N LEU C 21 -9.87 -25.23 -5.18
CA LEU C 21 -9.09 -25.44 -3.95
C LEU C 21 -9.84 -26.25 -2.91
N GLY C 22 -11.17 -26.13 -2.90
CA GLY C 22 -11.98 -26.85 -1.93
C GLY C 22 -12.24 -25.97 -0.73
N GLU C 23 -11.25 -25.88 0.15
CA GLU C 23 -11.37 -25.06 1.35
C GLU C 23 -10.15 -24.14 1.35
N ALA C 24 -10.34 -22.86 1.66
CA ALA C 24 -9.23 -21.93 1.68
C ALA C 24 -9.31 -20.97 2.86
N ARG C 25 -8.15 -20.44 3.25
CA ARG C 25 -8.09 -19.49 4.35
C ARG C 25 -8.34 -18.07 3.84
N TRP C 26 -9.16 -17.32 4.56
CA TRP C 26 -9.45 -15.95 4.19
C TRP C 26 -8.57 -15.09 5.11
N ASP C 27 -7.37 -14.77 4.65
CA ASP C 27 -6.42 -13.98 5.45
C ASP C 27 -6.19 -12.59 4.89
N GLY C 28 -5.40 -11.78 5.60
CA GLY C 28 -5.09 -10.45 5.12
C GLY C 28 -6.02 -9.30 5.48
N VAL C 29 -7.09 -9.56 6.19
CA VAL C 29 -8.01 -8.48 6.57
C VAL C 29 -7.34 -7.61 7.63
N ARG C 30 -7.13 -6.33 7.29
CA ARG C 30 -6.47 -5.39 8.17
C ARG C 30 -7.28 -4.13 8.43
N ASN C 31 -8.59 -4.24 8.27
CA ASN C 31 -9.50 -3.14 8.52
C ASN C 31 -10.22 -3.55 9.80
N TYR C 32 -10.09 -2.76 10.85
CA TYR C 32 -10.70 -3.11 12.13
C TYR C 32 -12.17 -3.48 12.10
N GLN C 33 -12.98 -2.71 11.39
CA GLN C 33 -14.40 -3.02 11.31
C GLN C 33 -14.62 -4.31 10.53
N ALA C 34 -13.89 -4.49 9.44
CA ALA C 34 -14.03 -5.71 8.65
C ALA C 34 -13.65 -6.90 9.53
N ARG C 35 -12.62 -6.69 10.35
CA ARG C 35 -12.16 -7.72 11.26
C ARG C 35 -13.28 -8.09 12.23
N ASN C 36 -13.88 -7.06 12.82
CA ASN C 36 -14.96 -7.26 13.78
C ASN C 36 -16.11 -8.06 13.16
N PHE C 37 -16.37 -7.87 11.87
CA PHE C 37 -17.44 -8.63 11.25
C PHE C 37 -17.01 -10.09 11.07
N LEU C 38 -15.72 -10.32 10.82
CA LEU C 38 -15.22 -11.69 10.69
C LEU C 38 -15.44 -12.42 12.00
N ARG C 39 -15.24 -11.72 13.11
CA ARG C 39 -15.40 -12.32 14.42
C ARG C 39 -16.85 -12.59 14.82
N ALA C 40 -17.78 -12.08 14.03
CA ALA C 40 -19.19 -12.30 14.31
C ALA C 40 -19.72 -13.46 13.50
N MSE C 41 -18.93 -13.93 12.54
CA MSE C 41 -19.34 -15.04 11.69
C MSE C 41 -19.37 -16.37 12.42
O MSE C 41 -18.62 -16.60 13.37
CB MSE C 41 -18.40 -15.15 10.47
CG MSE C 41 -18.46 -13.94 9.54
SE MSE C 41 -17.21 -14.06 8.06
CE MSE C 41 -17.97 -12.67 6.93
N SER C 42 -20.25 -17.26 11.96
CA SER C 42 -20.38 -18.59 12.54
C SER C 42 -20.20 -19.62 11.43
N VAL C 43 -19.80 -20.83 11.81
CA VAL C 43 -19.63 -21.89 10.82
C VAL C 43 -21.00 -22.15 10.19
N GLY C 44 -21.06 -22.24 8.86
CA GLY C 44 -22.33 -22.45 8.21
C GLY C 44 -22.89 -21.17 7.59
N ASP C 45 -22.38 -20.02 8.01
CA ASP C 45 -22.86 -18.76 7.46
C ASP C 45 -22.42 -18.72 6.00
N GLU C 46 -23.21 -18.07 5.17
CA GLU C 46 -22.87 -17.98 3.77
C GLU C 46 -22.60 -16.53 3.40
N PHE C 47 -21.79 -16.33 2.37
CA PHE C 47 -21.49 -14.96 1.97
C PHE C 47 -21.39 -14.83 0.46
N PHE C 48 -21.72 -13.65 -0.04
CA PHE C 48 -21.59 -13.42 -1.47
C PHE C 48 -20.11 -13.15 -1.72
N PHE C 49 -19.56 -13.84 -2.72
CA PHE C 49 -18.16 -13.70 -3.09
C PHE C 49 -18.11 -12.54 -4.07
N TYR C 50 -17.56 -11.40 -3.64
CA TYR C 50 -17.50 -10.22 -4.51
C TYR C 50 -16.13 -9.99 -5.15
N HIS C 51 -16.09 -10.04 -6.48
CA HIS C 51 -14.84 -9.81 -7.21
C HIS C 51 -14.61 -8.31 -7.33
N SER C 52 -13.56 -7.81 -6.67
CA SER C 52 -13.27 -6.38 -6.69
C SER C 52 -11.92 -6.08 -7.35
N SER C 53 -11.64 -4.79 -7.53
CA SER C 53 -10.39 -4.35 -8.15
C SER C 53 -10.11 -5.14 -9.42
N CYS C 54 -11.13 -5.31 -10.25
CA CYS C 54 -11.01 -6.07 -11.50
C CYS C 54 -11.86 -5.41 -12.60
N PRO C 55 -11.72 -5.89 -13.84
CA PRO C 55 -12.50 -5.32 -14.95
C PRO C 55 -14.01 -5.54 -14.85
N GLN C 56 -14.41 -6.67 -14.27
CA GLN C 56 -15.82 -6.95 -14.12
C GLN C 56 -16.17 -7.14 -12.64
N PRO C 57 -16.18 -6.03 -11.88
CA PRO C 57 -16.51 -6.07 -10.45
C PRO C 57 -17.97 -6.44 -10.19
N GLY C 58 -18.19 -7.23 -9.15
CA GLY C 58 -19.54 -7.66 -8.82
C GLY C 58 -19.56 -8.97 -8.08
N ILE C 59 -20.75 -9.40 -7.68
CA ILE C 59 -20.90 -10.66 -6.96
C ILE C 59 -20.79 -11.82 -7.95
N ALA C 60 -19.77 -12.66 -7.76
CA ALA C 60 -19.53 -13.79 -8.65
C ALA C 60 -20.08 -15.13 -8.17
N GLY C 61 -20.48 -15.20 -6.90
CA GLY C 61 -21.03 -16.43 -6.38
C GLY C 61 -21.25 -16.46 -4.88
N ILE C 62 -21.46 -17.65 -4.36
CA ILE C 62 -21.72 -17.85 -2.94
C ILE C 62 -20.76 -18.87 -2.33
N ALA C 63 -20.33 -18.61 -1.11
CA ALA C 63 -19.43 -19.51 -0.39
C ALA C 63 -19.89 -19.58 1.06
N ARG C 64 -19.26 -20.45 1.85
CA ARG C 64 -19.65 -20.58 3.24
C ARG C 64 -18.46 -20.58 4.19
N ILE C 65 -18.73 -20.28 5.46
CA ILE C 65 -17.69 -20.25 6.47
C ILE C 65 -17.54 -21.63 7.09
N THR C 66 -16.33 -22.20 6.97
CA THR C 66 -16.02 -23.52 7.50
C THR C 66 -15.21 -23.46 8.80
N ARG C 67 -14.82 -22.25 9.21
CA ARG C 67 -14.08 -22.09 10.46
C ARG C 67 -14.21 -20.65 10.98
N ALA C 68 -14.73 -20.52 12.19
CA ALA C 68 -14.91 -19.21 12.80
C ALA C 68 -13.58 -18.51 13.02
N ALA C 69 -13.63 -17.22 13.32
CA ALA C 69 -12.42 -16.43 13.51
C ALA C 69 -11.36 -17.04 14.42
N TYR C 70 -10.11 -16.94 13.97
CA TYR C 70 -8.97 -17.42 14.72
C TYR C 70 -7.80 -16.51 14.30
N PRO C 71 -6.75 -16.41 15.12
CA PRO C 71 -5.59 -15.57 14.81
C PRO C 71 -5.05 -15.73 13.40
N ASP C 72 -5.02 -14.62 12.64
CA ASP C 72 -4.53 -14.64 11.27
C ASP C 72 -3.03 -14.93 11.31
N PRO C 73 -2.63 -16.14 10.92
CA PRO C 73 -1.20 -16.48 10.94
C PRO C 73 -0.32 -15.63 10.02
N THR C 74 -0.91 -15.11 8.94
CA THR C 74 -0.15 -14.30 8.01
C THR C 74 0.45 -13.06 8.66
N ALA C 75 -0.15 -12.62 9.76
CA ALA C 75 0.33 -11.44 10.47
C ALA C 75 1.66 -11.69 11.17
N LEU C 76 1.89 -12.96 11.53
CA LEU C 76 3.10 -13.38 12.23
C LEU C 76 4.13 -13.99 11.30
N ASP C 77 3.74 -14.20 10.05
CA ASP C 77 4.62 -14.80 9.07
C ASP C 77 5.28 -13.69 8.25
N PRO C 78 6.58 -13.44 8.47
CA PRO C 78 7.34 -12.40 7.75
C PRO C 78 7.36 -12.62 6.25
N GLU C 79 7.19 -13.88 5.85
CA GLU C 79 7.20 -14.27 4.45
C GLU C 79 5.97 -13.81 3.66
N SER C 80 4.88 -13.48 4.37
CA SER C 80 3.67 -13.04 3.68
C SER C 80 3.53 -11.51 3.62
N HIS C 81 2.86 -11.05 2.57
CA HIS C 81 2.64 -9.61 2.36
C HIS C 81 1.74 -9.01 3.42
N TYR C 82 1.02 -9.86 4.15
CA TYR C 82 0.10 -9.37 5.17
C TYR C 82 0.73 -9.33 6.56
N HIS C 83 2.05 -9.33 6.60
CA HIS C 83 2.79 -9.29 7.86
C HIS C 83 2.53 -8.00 8.64
N ASP C 84 2.53 -8.10 9.96
CA ASP C 84 2.32 -6.96 10.85
C ASP C 84 3.45 -6.96 11.88
N ALA C 85 4.32 -5.94 11.81
CA ALA C 85 5.46 -5.86 12.72
C ALA C 85 5.10 -5.78 14.19
N LYS C 86 3.99 -5.12 14.51
CA LYS C 86 3.58 -4.97 15.89
C LYS C 86 2.87 -6.20 16.46
N ALA C 87 2.56 -7.18 15.61
CA ALA C 87 1.87 -8.39 16.07
C ALA C 87 2.82 -9.44 16.64
N THR C 88 2.32 -10.20 17.62
CA THR C 88 3.09 -11.28 18.23
C THR C 88 2.10 -12.41 18.46
N THR C 89 2.59 -13.58 18.85
CA THR C 89 1.73 -14.73 19.09
C THR C 89 0.71 -14.46 20.19
N ASP C 90 1.15 -13.81 21.26
CA ASP C 90 0.27 -13.53 22.39
C ASP C 90 -0.54 -12.25 22.21
N LYS C 91 -0.22 -11.49 21.18
CA LYS C 91 -0.93 -10.24 20.89
C LYS C 91 -1.06 -10.01 19.40
N ASN C 92 -1.94 -10.78 18.78
CA ASN C 92 -2.21 -10.70 17.35
C ASN C 92 -3.57 -10.02 17.21
N PRO C 93 -3.58 -8.77 16.75
CA PRO C 93 -4.88 -8.09 16.61
C PRO C 93 -5.75 -8.58 15.46
N TRP C 94 -5.19 -9.39 14.56
CA TRP C 94 -5.92 -9.84 13.38
C TRP C 94 -6.51 -11.25 13.38
N SER C 95 -7.61 -11.39 12.65
CA SER C 95 -8.31 -12.67 12.57
C SER C 95 -8.55 -13.11 11.15
N ALA C 96 -8.73 -14.41 10.98
CA ALA C 96 -9.00 -14.99 9.69
C ALA C 96 -10.12 -16.00 9.87
N VAL C 97 -10.70 -16.45 8.77
CA VAL C 97 -11.74 -17.46 8.82
C VAL C 97 -11.45 -18.34 7.62
N ASP C 98 -11.98 -19.56 7.62
CA ASP C 98 -11.78 -20.43 6.47
C ASP C 98 -13.10 -20.55 5.75
N VAL C 99 -13.04 -20.66 4.42
CA VAL C 99 -14.23 -20.74 3.60
C VAL C 99 -14.23 -21.89 2.61
N ALA C 100 -15.41 -22.20 2.09
CA ALA C 100 -15.56 -23.26 1.10
C ALA C 100 -16.56 -22.78 0.06
N HIS C 101 -16.43 -23.31 -1.16
CA HIS C 101 -17.28 -22.96 -2.27
C HIS C 101 -18.70 -23.49 -2.13
N VAL C 102 -19.67 -22.70 -2.56
CA VAL C 102 -21.05 -23.14 -2.54
C VAL C 102 -21.61 -23.08 -3.97
N GLN C 103 -21.43 -21.96 -4.64
CA GLN C 103 -21.95 -21.82 -5.99
C GLN C 103 -21.27 -20.70 -6.76
N THR C 104 -21.02 -20.95 -8.04
CA THR C 104 -20.43 -19.94 -8.90
C THR C 104 -21.51 -19.54 -9.89
N PHE C 105 -21.91 -18.27 -9.88
CA PHE C 105 -22.96 -17.81 -10.79
C PHE C 105 -22.52 -17.88 -12.25
N PRO C 106 -23.47 -18.12 -13.17
CA PRO C 106 -23.15 -18.20 -14.60
C PRO C 106 -22.56 -16.88 -15.06
N ARG C 107 -23.14 -15.80 -14.58
CA ARG C 107 -22.67 -14.48 -14.93
C ARG C 107 -22.62 -13.60 -13.69
N VAL C 108 -21.54 -12.82 -13.58
CA VAL C 108 -21.34 -11.93 -12.45
C VAL C 108 -22.46 -10.90 -12.31
N LEU C 109 -22.90 -10.66 -11.08
CA LEU C 109 -23.92 -9.66 -10.83
C LEU C 109 -23.12 -8.38 -10.68
N GLU C 110 -22.97 -7.69 -11.80
CA GLU C 110 -22.20 -6.46 -11.88
C GLU C 110 -22.55 -5.39 -10.87
N LEU C 111 -21.53 -4.66 -10.43
CA LEU C 111 -21.67 -3.59 -9.46
C LEU C 111 -22.69 -2.57 -9.94
N GLY C 112 -22.67 -2.27 -11.24
CA GLY C 112 -23.60 -1.30 -11.79
C GLY C 112 -25.04 -1.72 -11.58
N ARG C 113 -25.31 -3.00 -11.81
CA ARG C 113 -26.64 -3.56 -11.64
C ARG C 113 -27.03 -3.47 -10.16
N LEU C 114 -26.09 -3.82 -9.29
CA LEU C 114 -26.31 -3.79 -7.86
C LEU C 114 -26.63 -2.38 -7.35
N LYS C 115 -25.89 -1.38 -7.83
CA LYS C 115 -26.13 -0.01 -7.39
C LYS C 115 -27.51 0.49 -7.80
N GLN C 116 -28.09 -0.13 -8.83
CA GLN C 116 -29.42 0.27 -9.30
C GLN C 116 -30.50 -0.35 -8.42
N GLN C 117 -30.12 -1.11 -7.40
CA GLN C 117 -31.11 -1.72 -6.51
C GLN C 117 -31.39 -0.86 -5.30
N ALA C 118 -32.56 -0.23 -5.28
CA ALA C 118 -32.94 0.62 -4.14
C ALA C 118 -33.02 -0.25 -2.90
N GLY C 119 -33.19 -1.56 -3.11
CA GLY C 119 -33.27 -2.48 -1.99
C GLY C 119 -31.91 -2.71 -1.33
N LEU C 120 -30.85 -2.17 -1.92
CA LEU C 120 -29.51 -2.34 -1.38
C LEU C 120 -28.93 -1.01 -0.90
N VAL C 121 -29.77 0.00 -0.83
CA VAL C 121 -29.32 1.32 -0.40
C VAL C 121 -28.57 1.29 0.93
N GLU C 122 -28.93 0.39 1.84
CA GLU C 122 -28.27 0.32 3.14
C GLU C 122 -27.01 -0.56 3.15
N LEU C 123 -26.67 -1.18 2.03
CA LEU C 123 -25.49 -2.03 1.95
C LEU C 123 -24.24 -1.19 1.69
N PRO C 124 -23.26 -1.24 2.60
CA PRO C 124 -22.02 -0.47 2.44
C PRO C 124 -21.40 -0.55 1.04
N LEU C 125 -21.49 -1.73 0.43
CA LEU C 125 -20.95 -1.95 -0.91
C LEU C 125 -21.32 -0.86 -1.93
N VAL C 126 -22.59 -0.46 -1.94
CA VAL C 126 -23.02 0.56 -2.90
C VAL C 126 -23.00 1.97 -2.36
N GLN C 127 -22.34 2.15 -1.22
CA GLN C 127 -22.26 3.47 -0.60
C GLN C 127 -20.97 4.22 -0.89
N LYS C 128 -21.12 5.49 -1.27
CA LYS C 128 -20.02 6.37 -1.59
C LYS C 128 -18.89 6.37 -0.56
N GLY C 129 -17.66 6.19 -1.03
CA GLY C 129 -16.50 6.21 -0.14
C GLY C 129 -16.27 4.99 0.73
N SER C 130 -17.11 3.96 0.62
CA SER C 130 -16.94 2.78 1.44
C SER C 130 -15.65 2.03 1.15
N ARG C 131 -14.99 1.57 2.21
CA ARG C 131 -13.75 0.82 2.08
C ARG C 131 -13.84 -0.50 2.82
N LEU C 132 -15.07 -0.90 3.18
CA LEU C 132 -15.28 -2.16 3.88
C LEU C 132 -15.19 -3.33 2.91
N SER C 133 -14.38 -4.32 3.27
CA SER C 133 -14.22 -5.50 2.42
C SER C 133 -15.00 -6.68 3.01
N VAL C 134 -15.60 -6.47 4.19
CA VAL C 134 -16.38 -7.49 4.90
C VAL C 134 -17.58 -6.80 5.49
N MSE C 135 -18.78 -7.31 5.23
CA MSE C 135 -19.98 -6.67 5.75
C MSE C 135 -21.13 -7.64 5.92
O MSE C 135 -21.20 -8.67 5.26
CB MSE C 135 -20.41 -5.57 4.79
CG MSE C 135 -20.89 -6.15 3.45
SE MSE C 135 -20.97 -4.88 1.98
CE MSE C 135 -19.10 -4.76 1.58
N PRO C 136 -22.07 -7.32 6.81
CA PRO C 136 -23.21 -8.22 6.99
C PRO C 136 -24.19 -7.98 5.85
N VAL C 137 -25.11 -8.93 5.66
CA VAL C 137 -26.15 -8.82 4.64
C VAL C 137 -27.44 -9.28 5.29
N THR C 138 -28.44 -8.41 5.26
CA THR C 138 -29.73 -8.75 5.86
C THR C 138 -30.39 -9.77 4.95
N PRO C 139 -31.30 -10.58 5.51
CA PRO C 139 -32.01 -11.59 4.72
C PRO C 139 -32.71 -10.94 3.54
N GLU C 140 -33.27 -9.76 3.78
CA GLU C 140 -33.99 -9.03 2.74
C GLU C 140 -33.03 -8.61 1.63
N GLN C 141 -31.82 -8.23 2.01
CA GLN C 141 -30.83 -7.83 1.02
C GLN C 141 -30.36 -9.07 0.27
N TRP C 142 -30.30 -10.19 0.97
CA TRP C 142 -29.90 -11.45 0.35
C TRP C 142 -30.92 -11.83 -0.72
N ALA C 143 -32.20 -11.63 -0.42
CA ALA C 143 -33.28 -11.95 -1.34
C ALA C 143 -33.26 -11.14 -2.63
N VAL C 144 -32.99 -9.83 -2.53
CA VAL C 144 -32.98 -9.04 -3.75
C VAL C 144 -31.77 -9.42 -4.62
N ILE C 145 -30.66 -9.77 -3.98
CA ILE C 145 -29.47 -10.15 -4.74
C ILE C 145 -29.62 -11.50 -5.45
N VAL C 146 -30.22 -12.48 -4.76
CA VAL C 146 -30.41 -13.81 -5.34
C VAL C 146 -31.47 -13.75 -6.45
N ALA C 147 -32.39 -12.80 -6.35
CA ALA C 147 -33.45 -12.65 -7.35
C ALA C 147 -32.89 -11.97 -8.60
N LEU C 148 -31.77 -11.29 -8.44
CA LEU C 148 -31.13 -10.61 -9.55
C LEU C 148 -30.35 -11.66 -10.35
N ARG C 149 -30.05 -12.78 -9.69
CA ARG C 149 -29.32 -13.87 -10.33
C ARG C 149 -30.16 -14.50 -11.45
N LEU C 150 -31.48 -14.44 -11.29
CA LEU C 150 -32.41 -14.99 -12.27
C LEU C 150 -32.58 -14.12 -13.52
S SO4 D . 22.97 8.11 8.80
O1 SO4 D . 24.30 8.66 8.46
O2 SO4 D . 21.93 9.04 8.34
O3 SO4 D . 22.79 6.81 8.13
O4 SO4 D . 22.87 7.94 10.26
S SO4 E . 22.28 11.03 -10.94
O1 SO4 E . 23.61 11.20 -11.54
O2 SO4 E . 21.56 12.33 -10.97
O3 SO4 E . 21.52 10.02 -11.72
O4 SO4 E . 22.41 10.58 -9.54
S SO4 F . -9.32 12.67 -4.05
O1 SO4 F . -10.33 12.28 -5.05
O2 SO4 F . -9.14 14.13 -4.06
O3 SO4 F . -9.78 12.24 -2.70
O4 SO4 F . -8.04 12.02 -4.35
S SO4 G . 6.15 20.17 6.63
O1 SO4 G . 7.11 21.29 6.73
O2 SO4 G . 5.06 20.35 7.61
O3 SO4 G . 5.57 20.14 5.27
O4 SO4 G . 6.86 18.90 6.89
S SO4 H . -8.02 -12.44 0.61
O1 SO4 H . -8.51 -12.50 -0.79
O2 SO4 H . -7.62 -13.79 1.05
O3 SO4 H . -6.86 -11.53 0.68
O4 SO4 H . -9.09 -11.92 1.48
S SO4 I . -4.18 -13.56 20.27
O1 SO4 I . -3.76 -14.99 20.41
O2 SO4 I . -2.97 -12.72 20.17
O3 SO4 I . -5.00 -13.41 19.05
O4 SO4 I . -4.97 -13.15 21.45
#